data_2RDS
#
_entry.id   2RDS
#
_cell.length_a   69.951
_cell.length_b   89.387
_cell.length_c   48.770
_cell.angle_alpha   90.000
_cell.angle_beta   90.000
_cell.angle_gamma   90.000
#
_symmetry.space_group_name_H-M   'P 21 21 2'
#
loop_
_entity.id
_entity.type
_entity.pdbx_description
1 polymer '1-deoxypentalenic acid 11-beta hydroxylase; Fe(II)/alpha-ketoglutarate dependent hydroxylase'
2 non-polymer 'FE (III) ION'
3 non-polymer 'MAGNESIUM ION'
4 non-polymer N-OXALYLGLYCINE
5 non-polymer '(1S,3aS,5aR,8aS)-1,7,7-trimethyl-1,2,3,3a,5a,6,7,8-octahydrocyclopenta[c]pentalene-4-carboxylic acid'
6 water water
#
_entity_poly.entity_id   1
_entity_poly.type   'polypeptide(L)'
_entity_poly.pdbx_seq_one_letter_code
;GSHMTNVTGDYTDCTPLLGDRAALDSFYEEHGYLFLRNVLDRDLVKTVAEQMREGLVALGAADPHATLEELTIDSFESVD
EVAMHDYVKYDAFWNNPSTIKVFEQVFGEPVFVFLSTTIRYYPSQAGSEEPSFHYLTPFHQDGFYIGPNQDFRTFWIPLI
RTTRESGGVALADGSHRRGKRDHVLNESFRRFGHPVRGIPPTEVSEDEHLLHSPMEPGDILLFHAHMCHKSIPNLSKDPR
LMRMSMDTRVQPAKSHRGFNAMTPWTESAKDASKGIMAKITGTPTDVE
;
_entity_poly.pdbx_strand_id   A
#
loop_
_chem_comp.id
_chem_comp.type
_chem_comp.name
_chem_comp.formula
1PL non-polymer '(1S,3aS,5aR,8aS)-1,7,7-trimethyl-1,2,3,3a,5a,6,7,8-octahydrocyclopenta[c]pentalene-4-carboxylic acid' 'C15 H22 O2'
FE non-polymer 'FE (III) ION' 'Fe 3'
MG non-polymer 'MAGNESIUM ION' 'Mg 2'
OGA non-polymer N-OXALYLGLYCINE 'C4 H5 N O5'
#
# COMPACT_ATOMS: atom_id res chain seq x y z
N THR A 8 -2.76 17.24 7.76
CA THR A 8 -2.00 15.99 7.48
C THR A 8 -1.48 15.42 8.79
N GLY A 9 -2.40 14.87 9.57
CA GLY A 9 -2.12 14.33 10.90
C GLY A 9 -1.50 12.95 10.81
N ASP A 10 -1.52 12.23 11.93
CA ASP A 10 -0.93 10.90 12.02
C ASP A 10 -2.01 9.83 12.15
N TYR A 11 -1.72 8.59 11.73
CA TYR A 11 -2.64 7.48 12.01
C TYR A 11 -2.75 7.32 13.52
N THR A 12 -3.91 6.89 13.97
CA THR A 12 -4.03 6.45 15.36
C THR A 12 -3.57 4.99 15.45
N ASP A 13 -2.69 4.70 16.40
CA ASP A 13 -2.22 3.34 16.65
C ASP A 13 -3.36 2.52 17.25
N CYS A 14 -3.81 1.51 16.50
CA CYS A 14 -4.92 0.63 16.89
C CYS A 14 -4.50 -0.69 17.54
N THR A 15 -3.20 -0.91 17.69
CA THR A 15 -2.67 -2.16 18.24
C THR A 15 -3.30 -2.52 19.59
N PRO A 16 -3.50 -1.52 20.49
CA PRO A 16 -4.12 -1.84 21.80
C PRO A 16 -5.51 -2.49 21.70
N LEU A 17 -6.16 -2.35 20.54
CA LEU A 17 -7.54 -2.81 20.35
C LEU A 17 -7.64 -4.25 19.85
N LEU A 18 -6.51 -4.86 19.49
CA LEU A 18 -6.50 -6.24 18.97
C LEU A 18 -7.09 -7.29 19.93
N GLY A 19 -7.07 -7.02 21.23
CA GLY A 19 -7.65 -7.97 22.21
C GLY A 19 -9.15 -7.85 22.35
N ASP A 20 -9.77 -6.98 21.55
CA ASP A 20 -11.16 -6.58 21.77
C ASP A 20 -11.92 -6.47 20.43
N ARG A 21 -12.63 -7.53 20.08
CA ARG A 21 -13.43 -7.60 18.85
C ARG A 21 -14.31 -6.37 18.68
N ALA A 22 -15.10 -6.06 19.71
CA ALA A 22 -16.04 -4.93 19.67
C ALA A 22 -15.35 -3.59 19.47
N ALA A 23 -14.26 -3.37 20.22
CA ALA A 23 -13.54 -2.09 20.15
C ALA A 23 -12.84 -1.93 18.80
N LEU A 24 -12.26 -3.03 18.31
CA LEU A 24 -11.54 -2.99 17.04
C LEU A 24 -12.50 -2.71 15.88
N ASP A 25 -13.62 -3.44 15.86
CA ASP A 25 -14.64 -3.22 14.83
C ASP A 25 -15.26 -1.82 14.92
N SER A 26 -15.51 -1.33 16.13
CA SER A 26 -16.05 0.01 16.31
C SER A 26 -15.12 1.07 15.73
N PHE A 27 -13.82 0.96 16.02
CA PHE A 27 -12.86 1.91 15.45
C PHE A 27 -12.87 1.84 13.93
N TYR A 28 -12.78 0.62 13.40
CA TYR A 28 -12.75 0.40 11.96
C TYR A 28 -13.99 0.96 11.28
N GLU A 29 -15.15 0.75 11.89
CA GLU A 29 -16.41 1.23 11.35
C GLU A 29 -16.46 2.76 11.27
N GLU A 30 -15.98 3.41 12.33
CA GLU A 30 -15.97 4.87 12.39
C GLU A 30 -14.94 5.47 11.42
N HIS A 31 -13.75 4.89 11.38
CA HIS A 31 -12.60 5.53 10.74
C HIS A 31 -12.23 4.96 9.38
N GLY A 32 -12.55 3.69 9.18
CA GLY A 32 -12.36 3.05 7.88
C GLY A 32 -10.95 2.54 7.67
N TYR A 33 -10.17 2.54 8.75
CA TYR A 33 -8.82 1.98 8.70
C TYR A 33 -8.43 1.41 10.06
N LEU A 34 -7.37 0.60 10.04
CA LEU A 34 -6.63 0.24 11.25
C LEU A 34 -5.14 0.34 10.97
N PHE A 35 -4.40 0.87 11.95
CA PHE A 35 -2.95 0.96 11.94
C PHE A 35 -2.44 0.07 13.08
N LEU A 36 -1.69 -0.96 12.72
CA LEU A 36 -1.21 -1.96 13.68
C LEU A 36 0.32 -1.97 13.66
N ARG A 37 0.90 -1.82 14.85
CA ARG A 37 2.35 -1.77 14.97
C ARG A 37 2.94 -3.11 15.40
N ASN A 38 3.99 -3.52 14.68
CA ASN A 38 4.83 -4.65 15.09
C ASN A 38 4.01 -5.92 15.31
N VAL A 39 3.20 -6.25 14.31
CA VAL A 39 2.30 -7.43 14.36
C VAL A 39 2.72 -8.55 13.39
N LEU A 40 3.49 -8.19 12.35
CA LEU A 40 4.03 -9.16 11.40
C LEU A 40 5.45 -9.56 11.79
N ASP A 41 5.84 -10.76 11.41
CA ASP A 41 7.18 -11.28 11.68
C ASP A 41 8.21 -10.45 10.92
N ARG A 42 9.08 -9.77 11.67
CA ARG A 42 10.07 -8.86 11.10
C ARG A 42 11.13 -9.57 10.26
N ASP A 43 11.43 -10.81 10.61
CA ASP A 43 12.37 -11.62 9.82
C ASP A 43 11.74 -11.93 8.46
N LEU A 44 10.45 -12.28 8.44
CA LEU A 44 9.76 -12.56 7.17
C LEU A 44 9.70 -11.30 6.30
N VAL A 45 9.40 -10.16 6.91
CA VAL A 45 9.36 -8.90 6.18
C VAL A 45 10.74 -8.57 5.59
N LYS A 46 11.80 -8.75 6.39
CA LYS A 46 13.14 -8.46 5.91
C LYS A 46 13.48 -9.33 4.69
N THR A 47 13.06 -10.59 4.72
CA THR A 47 13.34 -11.49 3.59
C THR A 47 12.69 -10.97 2.31
N VAL A 48 11.46 -10.48 2.42
CA VAL A 48 10.78 -9.85 1.29
C VAL A 48 11.51 -8.58 0.84
N ALA A 49 11.93 -7.76 1.80
CA ALA A 49 12.71 -6.55 1.45
C ALA A 49 13.98 -6.93 0.67
N GLU A 50 14.66 -7.98 1.12
N GLU A 50 14.66 -7.97 1.15
CA GLU A 50 15.90 -8.42 0.47
CA GLU A 50 15.88 -8.46 0.49
C GLU A 50 15.69 -9.08 -0.90
C GLU A 50 15.62 -8.95 -0.92
N GLN A 51 14.50 -9.64 -1.11
CA GLN A 51 14.09 -10.13 -2.44
C GLN A 51 13.87 -8.96 -3.40
N MET A 52 13.20 -7.91 -2.91
CA MET A 52 13.00 -6.72 -3.72
C MET A 52 14.35 -6.08 -4.05
N ARG A 53 15.23 -5.98 -3.04
CA ARG A 53 16.58 -5.44 -3.24
C ARG A 53 17.32 -6.22 -4.32
N GLU A 54 17.26 -7.54 -4.27
CA GLU A 54 17.99 -8.32 -5.27
C GLU A 54 17.41 -8.11 -6.68
N GLY A 55 16.10 -7.99 -6.77
CA GLY A 55 15.46 -7.66 -8.04
C GLY A 55 16.00 -6.35 -8.57
N LEU A 56 16.15 -5.35 -7.69
CA LEU A 56 16.63 -4.03 -8.11
C LEU A 56 18.09 -4.07 -8.54
N VAL A 57 18.88 -4.92 -7.88
CA VAL A 57 20.28 -5.09 -8.30
C VAL A 57 20.30 -5.71 -9.70
N ALA A 58 19.46 -6.72 -9.91
CA ALA A 58 19.42 -7.44 -11.18
C ALA A 58 18.79 -6.62 -12.33
N LEU A 59 17.84 -5.73 -11.99
CA LEU A 59 17.02 -5.02 -12.99
C LEU A 59 17.05 -3.48 -12.94
N GLY A 60 17.38 -2.90 -11.79
CA GLY A 60 17.36 -1.45 -11.63
C GLY A 60 18.74 -0.84 -11.56
N ALA A 61 19.75 -1.67 -11.78
CA ALA A 61 21.16 -1.27 -11.68
C ALA A 61 21.51 -0.67 -10.31
N ALA A 62 20.76 -1.11 -9.29
CA ALA A 62 21.04 -0.74 -7.90
C ALA A 62 22.44 -1.23 -7.50
N ASP A 63 23.07 -0.49 -6.61
CA ASP A 63 24.40 -0.82 -6.07
C ASP A 63 24.36 -2.20 -5.42
N PRO A 64 25.15 -3.16 -5.95
CA PRO A 64 25.16 -4.52 -5.37
C PRO A 64 25.64 -4.60 -3.92
N HIS A 65 26.28 -3.53 -3.44
CA HIS A 65 26.86 -3.53 -2.09
C HIS A 65 26.17 -2.57 -1.13
N ALA A 66 25.10 -1.96 -1.59
CA ALA A 66 24.31 -1.06 -0.73
C ALA A 66 23.48 -1.85 0.29
N THR A 67 23.37 -1.30 1.49
CA THR A 67 22.40 -1.80 2.46
C THR A 67 21.00 -1.38 1.99
N LEU A 68 19.97 -1.96 2.60
CA LEU A 68 18.58 -1.63 2.24
C LEU A 68 18.33 -0.12 2.31
N GLU A 69 18.82 0.52 3.36
CA GLU A 69 18.59 1.95 3.53
C GLU A 69 19.49 2.83 2.66
N GLU A 70 20.61 2.29 2.18
CA GLU A 70 21.48 2.99 1.21
C GLU A 70 20.96 2.84 -0.21
N LEU A 71 20.12 1.84 -0.44
CA LEU A 71 19.64 1.51 -1.78
C LEU A 71 18.95 2.69 -2.46
N THR A 72 19.23 2.82 -3.76
CA THR A 72 18.46 3.72 -4.61
C THR A 72 18.51 3.22 -6.04
N ILE A 73 17.63 3.74 -6.88
CA ILE A 73 17.63 3.46 -8.32
C ILE A 73 17.46 4.78 -9.06
N ASP A 74 17.98 4.85 -10.27
CA ASP A 74 17.84 6.08 -11.08
C ASP A 74 16.38 6.40 -11.41
N SER A 75 15.61 5.35 -11.70
CA SER A 75 14.26 5.50 -12.25
C SER A 75 13.41 4.29 -11.89
N PHE A 76 12.22 4.52 -11.33
CA PHE A 76 11.24 3.45 -11.16
C PHE A 76 10.88 2.85 -12.52
N GLU A 77 10.69 3.72 -13.52
CA GLU A 77 10.21 3.30 -14.85
C GLU A 77 11.18 2.42 -15.62
N SER A 78 12.48 2.57 -15.35
CA SER A 78 13.52 1.79 -16.02
C SER A 78 13.56 0.32 -15.56
N VAL A 79 12.83 0.02 -14.48
CA VAL A 79 12.78 -1.33 -13.94
C VAL A 79 11.64 -2.14 -14.57
N ASP A 80 11.94 -3.35 -15.03
CA ASP A 80 10.94 -4.24 -15.59
C ASP A 80 10.05 -4.76 -14.46
N GLU A 81 8.86 -4.16 -14.32
CA GLU A 81 7.96 -4.48 -13.21
C GLU A 81 7.49 -5.94 -13.22
N VAL A 82 7.27 -6.48 -14.43
CA VAL A 82 6.87 -7.87 -14.56
C VAL A 82 7.96 -8.78 -14.01
N ALA A 83 9.21 -8.50 -14.37
CA ALA A 83 10.34 -9.29 -13.88
C ALA A 83 10.49 -9.21 -12.36
N MET A 84 10.18 -8.04 -11.78
CA MET A 84 10.25 -7.85 -10.34
C MET A 84 9.32 -8.84 -9.61
N HIS A 85 8.20 -9.17 -10.24
CA HIS A 85 7.27 -10.15 -9.67
C HIS A 85 7.83 -11.57 -9.54
N ASP A 86 8.88 -11.87 -10.31
CA ASP A 86 9.57 -13.14 -10.17
C ASP A 86 10.47 -13.15 -8.93
N TYR A 87 10.92 -11.98 -8.51
CA TYR A 87 11.83 -11.86 -7.36
C TYR A 87 11.11 -11.82 -6.02
N VAL A 88 10.06 -11.01 -5.95
CA VAL A 88 9.37 -10.75 -4.68
C VAL A 88 8.32 -11.83 -4.43
N LYS A 89 8.58 -12.67 -3.43
CA LYS A 89 7.74 -13.84 -3.12
C LYS A 89 6.64 -13.48 -2.12
N TYR A 90 5.73 -12.62 -2.56
CA TYR A 90 4.71 -12.07 -1.67
C TYR A 90 3.67 -13.09 -1.23
N ASP A 91 3.26 -13.99 -2.14
CA ASP A 91 2.23 -14.96 -1.77
C ASP A 91 2.67 -15.82 -0.58
N ALA A 92 3.93 -16.26 -0.61
CA ALA A 92 4.53 -17.01 0.50
C ALA A 92 4.46 -16.24 1.81
N PHE A 93 4.62 -14.91 1.71
CA PHE A 93 4.57 -14.05 2.87
C PHE A 93 3.14 -13.89 3.41
N TRP A 94 2.22 -13.52 2.52
CA TRP A 94 0.83 -13.28 2.92
C TRP A 94 0.19 -14.52 3.55
N ASN A 95 0.58 -15.68 3.02
CA ASN A 95 -0.02 -16.95 3.42
C ASN A 95 0.77 -17.70 4.51
N ASN A 96 1.85 -17.08 5.00
CA ASN A 96 2.53 -17.63 6.17
C ASN A 96 1.54 -17.65 7.35
N PRO A 97 1.47 -18.76 8.10
CA PRO A 97 0.56 -18.84 9.25
C PRO A 97 0.59 -17.63 10.19
N SER A 98 1.77 -17.05 10.42
CA SER A 98 1.88 -15.90 11.33
C SER A 98 1.18 -14.66 10.76
N THR A 99 1.19 -14.54 9.44
CA THR A 99 0.52 -13.43 8.75
C THR A 99 -1.00 -13.67 8.72
N ILE A 100 -1.39 -14.87 8.32
CA ILE A 100 -2.80 -15.27 8.32
C ILE A 100 -3.46 -15.03 9.68
N LYS A 101 -2.76 -15.38 10.75
CA LYS A 101 -3.29 -15.18 12.11
C LYS A 101 -3.69 -13.74 12.37
N VAL A 102 -2.86 -12.81 11.93
CA VAL A 102 -3.15 -11.38 12.09
C VAL A 102 -4.37 -10.99 11.25
N PHE A 103 -4.43 -11.48 10.02
CA PHE A 103 -5.58 -11.22 9.14
C PHE A 103 -6.88 -11.73 9.76
N GLU A 104 -6.84 -12.94 10.32
CA GLU A 104 -8.01 -13.50 10.98
C GLU A 104 -8.41 -12.72 12.24
N GLN A 105 -7.43 -12.18 12.98
CA GLN A 105 -7.72 -11.30 14.11
C GLN A 105 -8.50 -10.06 13.62
N VAL A 106 -8.07 -9.52 12.48
CA VAL A 106 -8.70 -8.32 11.95
C VAL A 106 -10.14 -8.58 11.49
N PHE A 107 -10.34 -9.63 10.69
CA PHE A 107 -11.66 -9.94 10.16
C PHE A 107 -12.59 -10.68 11.14
N GLY A 108 -12.03 -11.44 12.06
CA GLY A 108 -12.82 -12.25 13.00
C GLY A 108 -13.41 -13.50 12.34
N GLU A 109 -12.83 -13.87 11.21
CA GLU A 109 -13.22 -15.08 10.48
C GLU A 109 -12.10 -15.47 9.52
N PRO A 110 -12.13 -16.72 9.00
CA PRO A 110 -11.16 -17.12 7.99
C PRO A 110 -11.17 -16.20 6.77
N VAL A 111 -10.00 -16.07 6.16
CA VAL A 111 -9.81 -15.10 5.08
C VAL A 111 -9.32 -15.74 3.78
N PHE A 112 -9.47 -14.97 2.70
CA PHE A 112 -8.89 -15.26 1.40
C PHE A 112 -8.02 -14.07 1.02
N VAL A 113 -6.76 -14.34 0.70
CA VAL A 113 -5.84 -13.29 0.24
C VAL A 113 -5.85 -13.24 -1.29
N PHE A 114 -6.01 -12.05 -1.85
CA PHE A 114 -5.95 -11.87 -3.31
C PHE A 114 -4.71 -12.51 -3.93
N LEU A 115 -4.85 -13.00 -5.16
CA LEU A 115 -3.70 -13.51 -5.91
C LEU A 115 -2.88 -12.40 -6.59
N SER A 116 -3.39 -11.17 -6.50
CA SER A 116 -2.71 -9.98 -7.00
C SER A 116 -2.11 -9.17 -5.85
N THR A 117 -0.86 -8.76 -6.02
CA THR A 117 -0.20 -7.85 -5.10
C THR A 117 0.54 -6.82 -5.92
N THR A 118 0.51 -5.57 -5.47
CA THR A 118 1.28 -4.52 -6.14
C THR A 118 2.54 -4.29 -5.30
N ILE A 119 3.69 -4.26 -5.96
CA ILE A 119 4.96 -4.03 -5.28
C ILE A 119 5.48 -2.67 -5.71
N ARG A 120 5.96 -1.89 -4.74
CA ARG A 120 6.35 -0.50 -5.00
C ARG A 120 7.78 -0.26 -4.52
N TYR A 121 8.59 0.35 -5.38
CA TYR A 121 10.01 0.61 -5.12
C TYR A 121 10.32 1.99 -5.68
N TYR A 122 10.05 3.02 -4.86
CA TYR A 122 10.04 4.40 -5.34
C TYR A 122 11.22 5.21 -4.81
N PRO A 123 12.12 5.64 -5.71
CA PRO A 123 13.29 6.37 -5.22
C PRO A 123 12.97 7.81 -4.82
N SER A 124 13.79 8.42 -3.96
CA SER A 124 13.58 9.83 -3.65
C SER A 124 13.80 10.69 -4.88
N GLN A 125 12.96 11.70 -5.08
CA GLN A 125 13.19 12.66 -6.15
C GLN A 125 13.36 14.08 -5.64
N ALA A 126 13.82 14.17 -4.39
CA ALA A 126 14.13 15.47 -3.78
C ALA A 126 15.17 16.18 -4.65
N GLY A 127 14.85 17.43 -5.02
CA GLY A 127 15.74 18.26 -5.85
C GLY A 127 15.49 18.26 -7.34
N SER A 128 14.70 17.30 -7.82
N SER A 128 14.68 17.30 -7.82
CA SER A 128 14.37 17.19 -9.24
CA SER A 128 14.36 17.17 -9.24
C SER A 128 13.38 18.28 -9.67
C SER A 128 13.35 18.24 -9.70
N GLU A 129 13.70 18.94 -10.79
CA GLU A 129 12.84 20.00 -11.33
C GLU A 129 11.67 19.47 -12.13
N GLU A 130 11.88 18.30 -12.76
CA GLU A 130 10.81 17.62 -13.46
C GLU A 130 10.71 16.20 -12.89
N PRO A 131 10.17 16.09 -11.66
CA PRO A 131 10.10 14.78 -11.02
C PRO A 131 9.10 13.88 -11.74
N SER A 132 9.33 12.58 -11.72
CA SER A 132 8.43 11.63 -12.33
C SER A 132 7.61 11.01 -11.21
N PHE A 133 6.41 11.53 -11.00
CA PHE A 133 5.50 10.98 -10.00
C PHE A 133 4.18 10.50 -10.64
N HIS A 134 4.17 10.32 -11.97
CA HIS A 134 2.97 9.90 -12.69
C HIS A 134 2.59 8.45 -12.38
N TYR A 135 3.55 7.67 -11.88
CA TYR A 135 3.28 6.28 -11.52
C TYR A 135 2.67 6.11 -10.12
N LEU A 136 2.52 7.23 -9.40
CA LEU A 136 1.84 7.21 -8.11
C LEU A 136 0.31 7.18 -8.33
N THR A 137 -0.44 7.28 -7.24
CA THR A 137 -1.92 7.22 -7.31
C THR A 137 -2.56 8.54 -6.87
N PRO A 138 -3.62 8.97 -7.57
CA PRO A 138 -4.37 10.14 -7.10
C PRO A 138 -5.27 9.70 -5.95
N PHE A 139 -6.05 10.62 -5.36
CA PHE A 139 -7.12 10.20 -4.44
C PHE A 139 -8.00 9.18 -5.17
N HIS A 140 -8.25 8.05 -4.51
CA HIS A 140 -9.12 7.03 -5.09
C HIS A 140 -9.64 6.11 -3.99
N GLN A 141 -10.59 5.27 -4.38
CA GLN A 141 -11.08 4.19 -3.54
C GLN A 141 -10.77 2.89 -4.28
N ASP A 142 -10.22 1.91 -3.56
CA ASP A 142 -9.91 0.64 -4.21
C ASP A 142 -11.19 -0.02 -4.74
N GLY A 143 -12.31 0.18 -4.04
CA GLY A 143 -13.62 -0.35 -4.48
C GLY A 143 -14.13 0.20 -5.81
N PHE A 144 -13.59 1.34 -6.25
CA PHE A 144 -13.93 1.85 -7.58
C PHE A 144 -13.49 0.89 -8.70
N TYR A 145 -12.35 0.22 -8.50
N TYR A 145 -12.34 0.25 -8.48
CA TYR A 145 -11.78 -0.64 -9.56
CA TYR A 145 -11.68 -0.57 -9.47
C TYR A 145 -11.71 -2.13 -9.21
C TYR A 145 -11.93 -2.07 -9.23
N ILE A 146 -11.99 -2.45 -7.95
CA ILE A 146 -12.09 -3.84 -7.50
C ILE A 146 -13.52 -4.18 -7.07
N GLY A 147 -14.01 -5.31 -7.54
CA GLY A 147 -15.32 -5.79 -7.12
C GLY A 147 -15.65 -7.12 -7.77
N PRO A 148 -16.95 -7.46 -7.82
CA PRO A 148 -18.09 -6.62 -7.43
C PRO A 148 -18.32 -6.44 -5.92
N ASN A 149 -17.90 -7.41 -5.12
CA ASN A 149 -18.04 -7.30 -3.68
C ASN A 149 -17.18 -6.15 -3.15
N GLN A 150 -17.66 -5.54 -2.07
CA GLN A 150 -17.02 -4.35 -1.49
C GLN A 150 -16.61 -4.56 -0.04
N ASP A 151 -16.49 -5.82 0.37
CA ASP A 151 -16.11 -6.19 1.72
C ASP A 151 -14.65 -6.67 1.86
N PHE A 152 -13.86 -6.51 0.81
CA PHE A 152 -12.42 -6.70 0.93
C PHE A 152 -11.81 -5.50 1.66
N ARG A 153 -10.61 -5.69 2.20
CA ARG A 153 -9.85 -4.57 2.78
C ARG A 153 -8.46 -4.61 2.17
N THR A 154 -7.90 -3.43 1.94
CA THR A 154 -6.53 -3.33 1.45
C THR A 154 -5.55 -3.41 2.62
N PHE A 155 -4.50 -4.20 2.43
CA PHE A 155 -3.44 -4.35 3.42
C PHE A 155 -2.15 -3.82 2.80
N TRP A 156 -1.61 -2.78 3.42
CA TRP A 156 -0.48 -2.03 2.92
C TRP A 156 0.66 -2.20 3.91
N ILE A 157 1.78 -2.72 3.46
CA ILE A 157 2.90 -2.91 4.38
C ILE A 157 4.23 -2.31 3.90
N PRO A 158 4.96 -1.66 4.82
CA PRO A 158 6.29 -1.21 4.47
C PRO A 158 7.28 -2.38 4.53
N LEU A 159 8.19 -2.44 3.56
CA LEU A 159 9.27 -3.44 3.54
C LEU A 159 10.55 -2.88 4.18
N ILE A 160 10.82 -1.60 3.96
CA ILE A 160 11.73 -0.85 4.85
C ILE A 160 10.94 0.33 5.45
N ARG A 161 11.48 0.94 6.50
CA ARG A 161 10.72 1.99 7.20
C ARG A 161 10.39 3.18 6.30
N THR A 162 9.27 3.83 6.58
CA THR A 162 8.96 5.10 5.92
C THR A 162 9.13 6.27 6.87
N THR A 163 9.32 7.46 6.30
CA THR A 163 9.32 8.72 7.04
C THR A 163 8.22 9.62 6.46
N ARG A 164 7.91 10.71 7.16
CA ARG A 164 6.99 11.71 6.62
C ARG A 164 7.42 12.18 5.23
N GLU A 165 8.74 12.27 5.00
CA GLU A 165 9.29 12.76 3.74
C GLU A 165 9.39 11.66 2.67
N SER A 166 9.63 10.41 3.07
CA SER A 166 9.75 9.35 2.08
C SER A 166 8.41 8.87 1.55
N GLY A 167 7.34 9.12 2.32
CA GLY A 167 5.98 8.91 1.84
C GLY A 167 5.34 7.59 2.24
N GLY A 168 4.40 7.17 1.41
CA GLY A 168 3.51 6.07 1.73
C GLY A 168 2.13 6.41 1.21
N VAL A 169 1.11 6.03 1.98
CA VAL A 169 -0.26 6.39 1.62
C VAL A 169 -0.90 7.32 2.65
N ALA A 170 -1.55 8.36 2.15
CA ALA A 170 -2.34 9.23 3.00
C ALA A 170 -3.79 8.78 2.95
N LEU A 171 -4.42 8.71 4.12
CA LEU A 171 -5.80 8.25 4.24
C LEU A 171 -6.72 9.40 4.69
N ALA A 172 -7.89 9.51 4.08
CA ALA A 172 -8.88 10.51 4.50
C ALA A 172 -9.75 9.87 5.56
N ASP A 173 -9.48 10.22 6.82
CA ASP A 173 -10.12 9.60 7.98
C ASP A 173 -11.65 9.62 7.87
N GLY A 174 -12.27 8.44 7.94
CA GLY A 174 -13.74 8.33 7.90
C GLY A 174 -14.41 8.63 6.56
N SER A 175 -13.63 8.61 5.47
CA SER A 175 -14.14 8.91 4.13
C SER A 175 -14.85 7.74 3.45
N HIS A 176 -15.00 6.63 4.18
CA HIS A 176 -15.54 5.39 3.62
C HIS A 176 -17.04 5.21 3.87
N ARG A 177 -17.70 6.26 4.37
CA ARG A 177 -19.08 6.11 4.85
C ARG A 177 -20.17 6.72 3.96
N ARG A 178 -19.78 7.18 2.76
CA ARG A 178 -20.77 7.64 1.79
C ARG A 178 -20.69 6.93 0.43
N GLY A 179 -20.23 5.68 0.45
CA GLY A 179 -20.21 4.86 -0.76
C GLY A 179 -19.14 5.27 -1.75
N LYS A 180 -19.30 4.80 -2.98
CA LYS A 180 -18.38 5.12 -4.05
C LYS A 180 -18.52 6.58 -4.45
N ARG A 181 -17.38 7.22 -4.65
CA ARG A 181 -17.34 8.60 -5.11
C ARG A 181 -16.92 8.67 -6.56
N ASP A 182 -17.27 9.77 -7.21
CA ASP A 182 -16.94 9.96 -8.63
C ASP A 182 -15.43 10.00 -8.81
N HIS A 183 -14.93 9.22 -9.76
CA HIS A 183 -13.52 9.25 -10.18
C HIS A 183 -13.45 9.79 -11.62
N VAL A 184 -12.60 10.77 -11.83
CA VAL A 184 -12.49 11.46 -13.12
C VAL A 184 -11.05 11.36 -13.65
N LEU A 185 -10.93 11.40 -14.98
CA LEU A 185 -9.63 11.31 -15.64
C LEU A 185 -8.66 12.34 -15.07
N ASN A 186 -7.46 11.89 -14.74
CA ASN A 186 -6.39 12.77 -14.26
C ASN A 186 -5.13 12.53 -15.07
N GLU A 187 -4.77 13.49 -15.92
CA GLU A 187 -3.67 13.29 -16.85
C GLU A 187 -2.30 13.21 -16.19
N SER A 188 -2.21 13.64 -14.92
CA SER A 188 -0.93 13.66 -14.20
C SER A 188 -0.57 12.31 -13.57
N PHE A 189 -1.52 11.36 -13.59
CA PHE A 189 -1.26 10.00 -13.11
C PHE A 189 -1.57 9.04 -14.24
N ARG A 190 -0.63 8.15 -14.52
CA ARG A 190 -0.75 7.27 -15.67
C ARG A 190 -0.35 5.84 -15.37
N ARG A 191 -1.02 4.92 -16.07
N ARG A 191 -0.98 4.88 -16.07
CA ARG A 191 -0.63 3.52 -16.16
CA ARG A 191 -0.54 3.49 -16.08
C ARG A 191 -0.69 3.14 -17.62
C ARG A 191 -0.70 2.98 -17.51
N PHE A 192 0.43 2.65 -18.14
CA PHE A 192 0.52 2.20 -19.55
C PHE A 192 0.25 3.33 -20.54
N GLY A 193 0.73 4.52 -20.21
CA GLY A 193 0.46 5.72 -21.01
C GLY A 193 -0.98 6.22 -20.87
N HIS A 194 -1.85 5.38 -20.31
CA HIS A 194 -3.25 5.73 -20.05
C HIS A 194 -3.32 6.58 -18.80
N PRO A 195 -4.03 7.72 -18.87
CA PRO A 195 -4.35 8.43 -17.63
C PRO A 195 -5.30 7.60 -16.77
N VAL A 196 -5.17 7.72 -15.46
CA VAL A 196 -6.06 7.02 -14.55
C VAL A 196 -7.13 7.96 -14.01
N ARG A 197 -8.07 7.40 -13.25
CA ARG A 197 -9.17 8.17 -12.73
C ARG A 197 -8.99 8.35 -11.24
N GLY A 198 -9.25 9.58 -10.78
CA GLY A 198 -9.13 9.89 -9.36
C GLY A 198 -10.26 10.78 -8.90
N ILE A 199 -10.45 10.84 -7.59
CA ILE A 199 -11.44 11.74 -6.99
C ILE A 199 -10.83 13.15 -6.95
N PRO A 200 -11.55 14.14 -7.50
CA PRO A 200 -11.04 15.51 -7.36
C PRO A 200 -10.74 15.81 -5.87
N PRO A 201 -9.49 16.24 -5.54
CA PRO A 201 -9.13 16.58 -4.15
C PRO A 201 -10.14 17.54 -3.50
N THR A 202 -10.77 18.38 -4.31
CA THR A 202 -11.85 19.27 -3.87
C THR A 202 -13.11 18.51 -3.39
N GLU A 203 -13.26 17.26 -3.81
CA GLU A 203 -14.41 16.43 -3.45
C GLU A 203 -14.13 15.53 -2.25
N VAL A 204 -12.99 15.77 -1.60
CA VAL A 204 -12.65 15.13 -0.33
C VAL A 204 -12.80 16.20 0.74
N SER A 205 -13.71 15.96 1.67
CA SER A 205 -14.07 16.94 2.69
C SER A 205 -12.90 17.34 3.58
N GLU A 206 -12.88 18.61 3.98
CA GLU A 206 -11.98 19.09 5.01
C GLU A 206 -12.16 18.31 6.31
N ASP A 207 -13.36 17.75 6.51
CA ASP A 207 -13.69 16.97 7.70
C ASP A 207 -13.11 15.56 7.67
N GLU A 208 -12.73 15.09 6.49
CA GLU A 208 -12.14 13.76 6.34
C GLU A 208 -10.62 13.88 6.43
N HIS A 209 -10.16 14.23 7.63
CA HIS A 209 -8.77 14.62 7.86
C HIS A 209 -7.77 13.66 7.26
N LEU A 210 -6.81 14.21 6.51
N LEU A 210 -6.82 14.21 6.50
CA LEU A 210 -5.79 13.40 5.86
CA LEU A 210 -5.76 13.41 5.90
C LEU A 210 -4.70 12.97 6.85
C LEU A 210 -4.76 12.95 6.93
N LEU A 211 -4.41 11.68 6.87
CA LEU A 211 -3.46 11.08 7.83
C LEU A 211 -2.33 10.31 7.17
N HIS A 212 -1.14 10.46 7.75
CA HIS A 212 0.02 9.69 7.32
C HIS A 212 1.03 9.63 8.46
N SER A 213 1.42 8.41 8.85
CA SER A 213 2.50 8.28 9.84
C SER A 213 3.65 7.45 9.30
N PRO A 214 4.86 7.71 9.79
CA PRO A 214 6.01 6.83 9.54
C PRO A 214 5.65 5.42 10.03
N MET A 215 6.13 4.41 9.31
CA MET A 215 5.87 3.02 9.68
C MET A 215 7.17 2.22 9.66
N GLU A 216 7.20 1.15 10.47
CA GLU A 216 8.36 0.25 10.56
C GLU A 216 7.99 -1.08 9.91
N PRO A 217 8.98 -1.78 9.32
CA PRO A 217 8.71 -3.15 8.87
C PRO A 217 8.16 -3.92 10.06
N GLY A 218 7.12 -4.71 9.83
CA GLY A 218 6.37 -5.36 10.91
C GLY A 218 5.00 -4.72 11.14
N ASP A 219 4.86 -3.45 10.76
CA ASP A 219 3.60 -2.70 10.86
C ASP A 219 2.65 -3.02 9.68
N ILE A 220 1.35 -2.85 9.90
CA ILE A 220 0.33 -2.98 8.85
C ILE A 220 -0.54 -1.73 8.85
N LEU A 221 -0.89 -1.25 7.65
CA LEU A 221 -2.01 -0.32 7.52
C LEU A 221 -3.05 -1.03 6.68
N LEU A 222 -4.31 -0.99 7.12
CA LEU A 222 -5.38 -1.65 6.37
C LEU A 222 -6.60 -0.74 6.31
N PHE A 223 -7.36 -0.83 5.23
CA PHE A 223 -8.47 0.10 5.05
C PHE A 223 -9.59 -0.42 4.16
N HIS A 224 -10.76 0.13 4.44
CA HIS A 224 -12.04 -0.18 3.80
C HIS A 224 -12.02 0.08 2.29
N ALA A 225 -12.82 -0.69 1.54
CA ALA A 225 -12.95 -0.54 0.09
C ALA A 225 -13.34 0.88 -0.39
N HIS A 226 -13.99 1.63 0.49
CA HIS A 226 -14.43 2.98 0.18
C HIS A 226 -13.58 4.05 0.89
N MET A 227 -12.49 3.63 1.55
CA MET A 227 -11.55 4.60 2.10
C MET A 227 -10.92 5.36 0.93
N CYS A 228 -11.06 6.69 0.96
CA CYS A 228 -10.37 7.58 0.02
C CYS A 228 -8.91 7.79 0.45
N HIS A 229 -7.98 7.49 -0.45
CA HIS A 229 -6.55 7.52 -0.13
C HIS A 229 -5.72 7.89 -1.34
N LYS A 230 -4.48 8.31 -1.10
CA LYS A 230 -3.61 8.70 -2.21
C LYS A 230 -2.15 8.47 -1.87
N SER A 231 -1.29 8.41 -2.89
CA SER A 231 0.14 8.28 -2.66
C SER A 231 0.71 9.59 -2.11
N ILE A 232 1.71 9.45 -1.25
CA ILE A 232 2.54 10.58 -0.85
C ILE A 232 3.91 10.40 -1.52
N PRO A 233 4.36 11.40 -2.29
CA PRO A 233 5.63 11.29 -3.05
C PRO A 233 6.85 11.25 -2.15
N ASN A 234 7.88 10.56 -2.63
CA ASN A 234 9.15 10.42 -1.92
C ASN A 234 10.02 11.62 -2.22
N LEU A 235 10.16 12.51 -1.23
CA LEU A 235 11.04 13.67 -1.32
C LEU A 235 12.00 13.65 -0.14
N SER A 236 12.42 12.45 0.28
CA SER A 236 13.34 12.30 1.41
C SER A 236 14.76 12.77 1.06
N LYS A 237 15.42 13.38 2.04
CA LYS A 237 16.74 13.97 1.81
C LYS A 237 17.74 13.56 2.88
N ASP A 238 17.25 13.50 4.12
CA ASP A 238 18.11 13.17 5.23
C ASP A 238 17.30 12.48 6.34
N PRO A 239 17.25 11.13 6.31
CA PRO A 239 17.94 10.30 5.32
C PRO A 239 17.21 10.20 3.97
N ARG A 240 17.98 10.16 2.89
CA ARG A 240 17.43 9.85 1.56
C ARG A 240 17.17 8.35 1.48
N LEU A 241 15.89 7.98 1.44
CA LEU A 241 15.47 6.58 1.48
C LEU A 241 14.62 6.25 0.27
N MET A 242 14.72 5.01 -0.21
CA MET A 242 13.70 4.44 -1.09
C MET A 242 12.43 4.26 -0.27
N ARG A 243 11.28 4.31 -0.92
CA ARG A 243 10.07 3.81 -0.28
C ARG A 243 9.75 2.48 -0.91
N MET A 244 9.86 1.43 -0.10
CA MET A 244 9.64 0.06 -0.55
C MET A 244 8.45 -0.51 0.21
N SER A 245 7.41 -0.87 -0.52
CA SER A 245 6.18 -1.34 0.10
C SER A 245 5.47 -2.30 -0.80
N MET A 246 4.50 -3.01 -0.24
CA MET A 246 3.61 -3.81 -1.06
C MET A 246 2.21 -3.78 -0.49
N ASP A 247 1.22 -3.93 -1.37
CA ASP A 247 -0.17 -3.91 -0.97
C ASP A 247 -0.94 -5.01 -1.68
N THR A 248 -1.77 -5.69 -0.91
CA THR A 248 -2.73 -6.65 -1.45
C THR A 248 -4.12 -6.34 -0.88
N ARG A 249 -5.10 -7.15 -1.25
CA ARG A 249 -6.43 -7.05 -0.66
C ARG A 249 -6.73 -8.42 -0.06
N VAL A 250 -7.54 -8.40 1.00
CA VAL A 250 -7.91 -9.59 1.76
C VAL A 250 -9.40 -9.50 2.01
N GLN A 251 -10.08 -10.64 2.01
CA GLN A 251 -11.52 -10.64 2.23
C GLN A 251 -11.96 -11.89 2.99
N PRO A 252 -13.18 -11.87 3.57
CA PRO A 252 -13.64 -13.10 4.21
C PRO A 252 -13.59 -14.29 3.24
N ALA A 253 -13.20 -15.46 3.73
CA ALA A 253 -13.08 -16.65 2.87
C ALA A 253 -14.39 -17.00 2.18
N LYS A 254 -15.50 -16.61 2.82
CA LYS A 254 -16.85 -16.92 2.32
C LYS A 254 -17.36 -15.99 1.21
N SER A 255 -16.72 -14.83 1.06
CA SER A 255 -17.22 -13.81 0.13
C SER A 255 -16.88 -14.15 -1.33
N HIS A 256 -17.68 -13.60 -2.24
CA HIS A 256 -17.45 -13.75 -3.68
C HIS A 256 -16.04 -13.30 -4.07
N ARG A 257 -15.35 -14.13 -4.84
CA ARG A 257 -13.99 -13.81 -5.28
C ARG A 257 -14.02 -13.33 -6.74
N GLY A 258 -13.83 -12.03 -6.89
CA GLY A 258 -13.94 -11.36 -8.21
C GLY A 258 -12.70 -11.51 -9.07
N PHE A 259 -12.70 -10.81 -10.20
CA PHE A 259 -11.64 -10.89 -11.18
C PHE A 259 -10.27 -10.58 -10.59
N ASN A 260 -10.13 -9.43 -9.93
CA ASN A 260 -8.82 -9.07 -9.35
C ASN A 260 -8.35 -9.99 -8.24
N ALA A 261 -9.30 -10.51 -7.47
CA ALA A 261 -9.00 -11.45 -6.40
C ALA A 261 -8.31 -12.71 -6.94
N MET A 262 -8.72 -13.13 -8.14
CA MET A 262 -8.26 -14.40 -8.73
C MET A 262 -7.19 -14.27 -9.81
N THR A 263 -6.75 -13.04 -10.07
CA THR A 263 -5.87 -12.75 -11.20
C THR A 263 -4.57 -12.08 -10.75
N PRO A 264 -3.42 -12.79 -10.87
CA PRO A 264 -2.11 -12.18 -10.57
C PRO A 264 -1.84 -10.87 -11.32
N TRP A 265 -1.07 -10.00 -10.67
CA TRP A 265 -0.81 -8.64 -11.16
C TRP A 265 -0.30 -8.64 -12.61
N THR A 266 0.55 -9.59 -12.94
CA THR A 266 1.18 -9.63 -14.26
C THR A 266 0.19 -9.84 -15.41
N GLU A 267 -1.05 -10.25 -15.07
CA GLU A 267 -2.06 -10.56 -16.09
C GLU A 267 -3.28 -9.64 -16.13
N SER A 268 -3.27 -8.58 -15.34
CA SER A 268 -4.47 -7.75 -15.21
C SER A 268 -4.33 -6.33 -15.76
FE FE B . -5.35 2.03 -3.57
MG MG C . 30.45 0.74 -2.82
MG MG D . -21.55 2.48 2.49
C1 OGA E . -3.15 0.99 -2.12
C2 OGA E . -2.60 2.25 -2.79
C4 OGA E . -0.66 3.70 -3.24
C5 OGA E . 0.80 3.84 -2.78
O1 OGA E . -2.33 0.31 -1.47
O2 OGA E . -4.37 0.72 -2.24
O2' OGA E . -3.36 2.96 -3.45
O3 OGA E . 1.43 4.82 -3.22
N1 OGA E . -1.30 2.52 -2.63
O4 OGA E . 1.25 2.99 -1.98
C10 1PL F . -6.93 4.46 -9.63
C9 1PL F . -5.49 4.06 -9.83
C11 1PL F . -4.77 4.29 -8.52
C12 1PL F . -4.97 2.95 -7.79
C5 1PL F . -4.69 1.91 -8.88
C4 1PL F . -5.21 2.56 -10.17
C3 1PL F . -6.36 1.71 -10.73
C2 1PL F . -5.69 0.63 -11.61
C14 1PL F . -6.62 0.22 -12.78
C15 1PL F . -5.30 -0.64 -10.83
C1 1PL F . -4.45 1.32 -12.16
C8 1PL F . -4.10 2.47 -11.20
C7 1PL F . -2.85 2.12 -10.38
C6 1PL F . -3.18 1.80 -9.13
C13 1PL F . -2.17 1.40 -8.05
O1 1PL F . -0.96 1.38 -8.37
O2 1PL F . -2.62 1.12 -6.92
#